data_6HHO
#
_entry.id   6HHO
#
_cell.length_a   102.649
_cell.length_b   130.370
_cell.length_c   50.839
_cell.angle_alpha   90.000
_cell.angle_beta   90.000
_cell.angle_gamma   90.000
#
_symmetry.space_group_name_H-M   'P 21 21 21'
#
loop_
_entity.id
_entity.type
_entity.pdbx_description
1 polymer 'Receptor-interacting serine/threonine-protein kinase 1'
2 non-polymer 6-[4-[(5~{S})-5-[3,5-bis(fluoranyl)phenyl]pyrazolidin-1-yl]carbonylpiperidin-1-yl]pyrimidine-4-carbonitrile
#
_entity_poly.entity_id   1
_entity_poly.type   'polypeptide(L)'
_entity_poly.pdbx_seq_one_letter_code
;MDYKDDDDKMQPDMSLNVIKMKSSDFLESAELDSGGFGKVSLAFHRTQGLMIMKTVYKGPNCIEHNEALLEEAKMMNRLR
HSRVVKLLGVIIEEGKYSLVMEYMEKGNLMHVLKAEMSTPLSVKGRIILEIIEGMAYLHGKGVIHKDLKPENILVDNDFH
IKIADLGLASFKMWSKLNNEEHNELREVDGTAKKNGGTLYYMAPEHLNDVNAKPTEKSDVYSFAVVLWAIFANKEPYENA
IAEQQLIMAIKSGNRPDVDDITEYCPREIISLMKLCWEANPEARPTFPGIEEKFRPFYLSQLE
;
_entity_poly.pdbx_strand_id   A,B
#
# COMPACT_ATOMS: atom_id res chain seq x y z
N ASN A 17 -5.22 -13.11 12.27
CA ASN A 17 -4.44 -14.34 12.05
C ASN A 17 -5.13 -15.37 11.07
N VAL A 18 -4.42 -16.47 10.72
CA VAL A 18 -4.87 -17.54 9.81
C VAL A 18 -6.03 -18.35 10.42
N ILE A 19 -6.98 -18.77 9.56
CA ILE A 19 -8.12 -19.56 9.99
C ILE A 19 -7.82 -21.04 9.84
N LYS A 20 -7.95 -21.80 10.95
CA LYS A 20 -7.81 -23.24 10.88
C LYS A 20 -9.22 -23.72 10.53
N MET A 21 -9.35 -24.18 9.28
CA MET A 21 -10.60 -24.61 8.69
C MET A 21 -10.77 -26.12 8.67
N LYS A 22 -12.04 -26.54 8.65
CA LYS A 22 -12.44 -27.94 8.62
C LYS A 22 -13.09 -28.19 7.30
N SER A 23 -13.08 -29.44 6.82
CA SER A 23 -13.75 -29.74 5.58
C SER A 23 -15.29 -29.58 5.77
N SER A 24 -15.75 -29.72 7.03
CA SER A 24 -17.14 -29.55 7.45
C SER A 24 -17.63 -28.09 7.37
N ASP A 25 -16.70 -27.10 7.25
CA ASP A 25 -17.02 -25.67 7.09
C ASP A 25 -17.46 -25.32 5.65
N PHE A 26 -17.27 -26.27 4.74
CA PHE A 26 -17.60 -26.13 3.32
C PHE A 26 -18.84 -26.94 2.97
N LEU A 27 -19.70 -26.40 2.09
CA LEU A 27 -20.93 -27.09 1.69
C LEU A 27 -20.64 -28.16 0.73
N GLU A 28 -19.82 -27.86 -0.28
CA GLU A 28 -19.38 -28.83 -1.32
C GLU A 28 -18.25 -28.23 -2.17
N SER A 29 -17.72 -29.06 -3.08
CA SER A 29 -16.61 -28.62 -3.93
C SER A 29 -16.75 -28.97 -5.40
N ALA A 30 -16.16 -28.10 -6.23
CA ALA A 30 -16.11 -28.22 -7.70
C ALA A 30 -14.66 -28.26 -8.22
N GLU A 31 -14.07 -29.49 -8.20
CA GLU A 31 -12.70 -29.85 -8.60
C GLU A 31 -12.45 -29.49 -10.06
N LEU A 32 -11.28 -28.86 -10.33
CA LEU A 32 -10.87 -28.42 -11.68
C LEU A 32 -9.34 -28.55 -11.94
N ASP A 33 -8.92 -28.38 -13.22
CA ASP A 33 -7.52 -28.40 -13.65
C ASP A 33 -7.08 -26.97 -13.99
N PHE A 37 -1.14 -27.11 -11.88
CA PHE A 37 -0.87 -28.29 -11.05
C PHE A 37 -1.70 -28.23 -9.76
N GLY A 38 -1.98 -29.40 -9.15
CA GLY A 38 -2.73 -29.56 -7.90
C GLY A 38 -4.25 -29.53 -8.04
N LYS A 39 -4.98 -30.28 -7.16
CA LYS A 39 -6.45 -30.32 -7.18
C LYS A 39 -6.99 -28.95 -6.83
N VAL A 40 -7.56 -28.21 -7.80
CA VAL A 40 -8.06 -26.88 -7.43
C VAL A 40 -9.56 -26.89 -7.54
N SER A 41 -10.19 -26.84 -6.39
CA SER A 41 -11.62 -26.91 -6.28
C SER A 41 -12.18 -25.58 -5.82
N LEU A 42 -13.29 -25.19 -6.45
CA LEU A 42 -14.07 -24.03 -6.04
C LEU A 42 -14.87 -24.50 -4.80
N ALA A 43 -14.89 -23.72 -3.70
CA ALA A 43 -15.55 -24.18 -2.48
C ALA A 43 -16.46 -23.17 -1.85
N PHE A 44 -17.65 -23.62 -1.47
CA PHE A 44 -18.68 -22.78 -0.89
C PHE A 44 -18.59 -22.85 0.62
N HIS A 45 -18.04 -21.81 1.26
CA HIS A 45 -17.92 -21.80 2.73
C HIS A 45 -19.27 -21.42 3.33
N ARG A 46 -19.61 -22.06 4.47
CA ARG A 46 -20.86 -21.87 5.23
C ARG A 46 -21.22 -20.44 5.58
N THR A 47 -20.23 -19.62 5.96
CA THR A 47 -20.46 -18.24 6.42
C THR A 47 -19.55 -17.18 5.78
N GLN A 48 -18.33 -17.57 5.40
CA GLN A 48 -17.35 -16.60 4.90
C GLN A 48 -17.35 -16.42 3.35
N GLY A 49 -18.32 -17.04 2.66
CA GLY A 49 -18.50 -16.89 1.22
C GLY A 49 -17.77 -17.86 0.32
N LEU A 50 -17.64 -17.51 -0.98
CA LEU A 50 -16.98 -18.29 -2.01
C LEU A 50 -15.45 -18.14 -1.94
N MET A 51 -14.72 -19.25 -2.16
CA MET A 51 -13.27 -19.34 -1.98
C MET A 51 -12.63 -20.34 -2.93
N ILE A 52 -11.33 -20.19 -3.16
CA ILE A 52 -10.55 -21.15 -3.96
C ILE A 52 -9.71 -22.02 -3.02
N MET A 53 -9.74 -23.33 -3.24
CA MET A 53 -9.04 -24.29 -2.41
C MET A 53 -8.12 -25.21 -3.18
N LYS A 54 -6.94 -25.51 -2.62
CA LYS A 54 -5.95 -26.39 -3.23
C LYS A 54 -5.63 -27.47 -2.24
N THR A 55 -6.00 -28.72 -2.56
CA THR A 55 -5.69 -29.86 -1.73
C THR A 55 -4.30 -30.28 -2.18
N VAL A 56 -3.29 -29.79 -1.44
CA VAL A 56 -1.87 -30.00 -1.75
C VAL A 56 -1.44 -31.48 -1.51
N TYR A 57 -2.14 -32.19 -0.60
CA TYR A 57 -1.82 -33.56 -0.20
C TYR A 57 -3.04 -34.34 0.30
N LYS A 58 -3.04 -35.65 -0.02
CA LYS A 58 -4.02 -36.67 0.38
C LYS A 58 -3.27 -38.00 0.51
N GLY A 59 -3.36 -38.61 1.69
CA GLY A 59 -2.71 -39.89 1.96
C GLY A 59 -2.51 -40.19 3.43
N PRO A 60 -1.38 -40.85 3.78
CA PRO A 60 -1.13 -41.18 5.20
C PRO A 60 -0.88 -39.98 6.13
N ASN A 61 -0.94 -40.21 7.45
CA ASN A 61 -0.69 -39.18 8.45
C ASN A 61 0.81 -38.78 8.46
N CYS A 62 1.11 -37.47 8.61
CA CYS A 62 2.51 -37.00 8.69
C CYS A 62 2.68 -35.90 9.77
N ILE A 63 2.31 -36.27 11.03
CA ILE A 63 2.37 -35.44 12.25
C ILE A 63 3.74 -34.75 12.43
N GLU A 64 4.78 -35.29 11.77
CA GLU A 64 6.15 -34.79 11.78
C GLU A 64 6.30 -33.35 11.21
N HIS A 65 5.41 -32.93 10.29
CA HIS A 65 5.51 -31.62 9.63
C HIS A 65 4.38 -30.63 9.94
N ASN A 66 3.35 -31.03 10.69
CA ASN A 66 2.18 -30.19 11.01
C ASN A 66 2.49 -28.82 11.64
N GLU A 67 3.47 -28.77 12.57
CA GLU A 67 3.88 -27.55 13.27
C GLU A 67 4.60 -26.58 12.32
N ALA A 68 5.42 -27.13 11.40
CA ALA A 68 6.17 -26.38 10.41
C ALA A 68 5.27 -25.83 9.29
N LEU A 69 4.21 -26.57 8.91
CA LEU A 69 3.23 -26.19 7.89
C LEU A 69 2.36 -25.06 8.41
N LEU A 70 1.92 -25.18 9.66
CA LEU A 70 1.11 -24.19 10.35
C LEU A 70 1.91 -22.90 10.57
N GLU A 71 3.22 -23.01 10.85
CA GLU A 71 4.09 -21.85 11.03
C GLU A 71 4.24 -21.07 9.70
N GLU A 72 4.39 -21.83 8.59
CA GLU A 72 4.53 -21.29 7.25
C GLU A 72 3.27 -20.58 6.75
N ALA A 73 2.08 -21.17 7.00
CA ALA A 73 0.81 -20.60 6.60
C ALA A 73 0.55 -19.29 7.38
N LYS A 74 0.97 -19.25 8.67
CA LYS A 74 0.88 -18.07 9.55
C LYS A 74 1.74 -16.93 9.01
N MET A 75 2.91 -17.28 8.46
CA MET A 75 3.91 -16.41 7.85
C MET A 75 3.36 -15.76 6.57
N MET A 76 2.81 -16.59 5.66
CA MET A 76 2.20 -16.18 4.40
C MET A 76 0.91 -15.44 4.62
N ASN A 77 0.20 -15.75 5.74
CA ASN A 77 -1.02 -15.07 6.14
C ASN A 77 -0.74 -13.63 6.59
N ARG A 78 0.52 -13.32 7.01
CA ARG A 78 0.95 -11.96 7.42
C ARG A 78 0.99 -10.99 6.18
N LEU A 79 0.93 -11.54 4.94
CA LEU A 79 0.95 -10.76 3.69
C LEU A 79 -0.48 -10.21 3.36
N ARG A 80 -0.74 -8.96 3.77
CA ARG A 80 -2.04 -8.29 3.61
C ARG A 80 -1.97 -6.97 2.79
N HIS A 81 -2.38 -7.02 1.52
CA HIS A 81 -2.37 -5.84 0.66
C HIS A 81 -3.50 -5.93 -0.35
N SER A 82 -4.06 -4.76 -0.76
CA SER A 82 -5.16 -4.65 -1.75
C SER A 82 -4.85 -5.34 -3.11
N ARG A 83 -3.56 -5.39 -3.53
CA ARG A 83 -3.12 -5.97 -4.79
C ARG A 83 -2.34 -7.28 -4.62
N VAL A 84 -2.51 -7.94 -3.47
CA VAL A 84 -1.85 -9.22 -3.14
C VAL A 84 -2.95 -10.18 -2.69
N VAL A 85 -2.96 -11.43 -3.23
CA VAL A 85 -3.93 -12.48 -2.87
C VAL A 85 -3.87 -12.78 -1.37
N LYS A 86 -5.05 -12.89 -0.72
CA LYS A 86 -5.15 -13.13 0.71
C LYS A 86 -5.35 -14.63 1.02
N LEU A 87 -4.43 -15.21 1.83
CA LEU A 87 -4.53 -16.59 2.29
C LEU A 87 -5.56 -16.59 3.42
N LEU A 88 -6.78 -17.05 3.11
CA LEU A 88 -7.93 -17.05 4.03
C LEU A 88 -7.90 -18.12 5.14
N GLY A 89 -7.40 -19.30 4.83
CA GLY A 89 -7.28 -20.39 5.79
C GLY A 89 -6.49 -21.59 5.31
N VAL A 90 -6.39 -22.57 6.19
CA VAL A 90 -5.73 -23.86 5.96
C VAL A 90 -6.63 -24.95 6.48
N ILE A 91 -6.51 -26.13 5.90
CA ILE A 91 -7.16 -27.34 6.37
C ILE A 91 -6.00 -28.28 6.71
N ILE A 92 -5.72 -28.42 8.02
CA ILE A 92 -4.69 -29.33 8.50
C ILE A 92 -5.48 -30.44 9.21
N GLU A 93 -5.76 -31.49 8.43
CA GLU A 93 -6.48 -32.66 8.91
C GLU A 93 -5.58 -33.88 8.75
N GLU A 94 -5.90 -34.99 9.44
CA GLU A 94 -5.11 -36.22 9.36
C GLU A 94 -5.11 -36.75 7.92
N GLY A 95 -3.91 -36.80 7.34
CA GLY A 95 -3.69 -37.26 5.97
C GLY A 95 -4.23 -36.37 4.86
N LYS A 96 -4.83 -35.21 5.21
CA LYS A 96 -5.41 -34.26 4.23
C LYS A 96 -5.02 -32.80 4.54
N TYR A 97 -4.29 -32.19 3.59
CA TYR A 97 -3.81 -30.82 3.70
C TYR A 97 -4.32 -29.95 2.58
N SER A 98 -4.80 -28.73 2.92
CA SER A 98 -5.36 -27.80 1.95
C SER A 98 -5.07 -26.34 2.29
N LEU A 99 -4.93 -25.50 1.25
CA LEU A 99 -4.73 -24.06 1.32
C LEU A 99 -5.98 -23.37 0.72
N VAL A 100 -6.51 -22.35 1.40
CA VAL A 100 -7.71 -21.66 0.99
C VAL A 100 -7.39 -20.19 0.76
N MET A 101 -7.60 -19.71 -0.47
CA MET A 101 -7.40 -18.30 -0.88
C MET A 101 -8.75 -17.74 -1.33
N GLU A 102 -8.80 -16.45 -1.60
CA GLU A 102 -10.04 -15.80 -2.04
C GLU A 102 -10.35 -16.04 -3.49
N TYR A 103 -11.63 -15.89 -3.85
CA TYR A 103 -12.11 -16.09 -5.20
C TYR A 103 -11.79 -14.90 -6.11
N MET A 104 -11.22 -15.18 -7.32
CA MET A 104 -10.87 -14.19 -8.37
C MET A 104 -11.60 -14.63 -9.61
N GLU A 105 -12.68 -13.90 -9.93
CA GLU A 105 -13.63 -14.19 -10.98
C GLU A 105 -13.08 -14.32 -12.40
N LYS A 106 -12.28 -13.34 -12.88
CA LYS A 106 -11.80 -13.32 -14.28
C LYS A 106 -10.53 -14.16 -14.57
N GLY A 107 -10.07 -14.96 -13.59
CA GLY A 107 -8.91 -15.83 -13.77
C GLY A 107 -7.60 -15.10 -13.83
N ASN A 108 -6.63 -15.59 -14.64
CA ASN A 108 -5.33 -14.95 -14.69
C ASN A 108 -5.21 -13.90 -15.80
N LEU A 109 -4.14 -13.10 -15.76
CA LEU A 109 -3.85 -12.02 -16.69
C LEU A 109 -3.77 -12.47 -18.14
N MET A 110 -3.20 -13.67 -18.39
CA MET A 110 -3.10 -14.19 -19.76
C MET A 110 -4.46 -14.55 -20.33
N HIS A 111 -5.32 -15.16 -19.51
CA HIS A 111 -6.68 -15.51 -19.86
C HIS A 111 -7.47 -14.25 -20.27
N VAL A 112 -7.33 -13.15 -19.53
CA VAL A 112 -8.00 -11.87 -19.76
C VAL A 112 -7.49 -11.19 -21.06
N LEU A 113 -6.16 -11.22 -21.32
CA LEU A 113 -5.58 -10.61 -22.52
C LEU A 113 -5.93 -11.39 -23.81
N LYS A 114 -5.89 -12.74 -23.74
CA LYS A 114 -6.22 -13.64 -24.86
C LYS A 114 -7.76 -13.80 -25.09
N ALA A 115 -8.57 -12.99 -24.40
CA ALA A 115 -10.02 -12.99 -24.55
C ALA A 115 -10.40 -12.32 -25.88
N GLU A 116 -11.69 -12.45 -26.30
CA GLU A 116 -12.24 -11.86 -27.52
C GLU A 116 -12.31 -10.33 -27.40
N MET A 117 -12.89 -9.87 -26.27
CA MET A 117 -13.07 -8.46 -25.90
C MET A 117 -11.71 -7.78 -25.67
N SER A 118 -11.49 -6.62 -26.33
CA SER A 118 -10.25 -5.84 -26.14
C SER A 118 -10.29 -5.11 -24.80
N THR A 119 -9.13 -5.01 -24.15
CA THR A 119 -8.95 -4.35 -22.86
C THR A 119 -8.33 -2.99 -23.20
N PRO A 120 -9.03 -1.86 -22.94
CA PRO A 120 -8.45 -0.54 -23.29
C PRO A 120 -7.15 -0.20 -22.58
N LEU A 121 -6.40 0.74 -23.14
CA LEU A 121 -5.13 1.25 -22.61
C LEU A 121 -5.26 1.74 -21.15
N SER A 122 -6.38 2.39 -20.81
CA SER A 122 -6.63 2.91 -19.47
C SER A 122 -6.71 1.79 -18.43
N VAL A 123 -7.34 0.62 -18.80
CA VAL A 123 -7.44 -0.55 -17.92
C VAL A 123 -6.04 -1.18 -17.76
N LYS A 124 -5.33 -1.40 -18.90
CA LYS A 124 -3.98 -1.96 -18.96
C LYS A 124 -2.99 -1.15 -18.14
N GLY A 125 -3.08 0.18 -18.22
CA GLY A 125 -2.24 1.10 -17.46
C GLY A 125 -2.50 1.03 -15.96
N ARG A 126 -3.77 0.74 -15.59
CA ARG A 126 -4.18 0.59 -14.20
C ARG A 126 -3.65 -0.73 -13.67
N ILE A 127 -3.77 -1.81 -14.50
CA ILE A 127 -3.25 -3.16 -14.24
C ILE A 127 -1.75 -3.05 -13.93
N ILE A 128 -1.00 -2.30 -14.75
CA ILE A 128 0.44 -2.08 -14.55
C ILE A 128 0.74 -1.42 -13.19
N LEU A 129 0.03 -0.30 -12.91
CA LEU A 129 0.20 0.43 -11.66
C LEU A 129 -0.09 -0.49 -10.45
N GLU A 130 -1.14 -1.33 -10.54
CA GLU A 130 -1.51 -2.26 -9.49
C GLU A 130 -0.45 -3.36 -9.27
N ILE A 131 0.22 -3.82 -10.36
CA ILE A 131 1.28 -4.83 -10.29
C ILE A 131 2.48 -4.23 -9.55
N ILE A 132 2.90 -3.00 -9.93
CA ILE A 132 3.97 -2.24 -9.31
C ILE A 132 3.70 -2.12 -7.80
N GLU A 133 2.49 -1.67 -7.41
CA GLU A 133 2.08 -1.51 -5.99
C GLU A 133 2.20 -2.81 -5.15
N GLY A 134 1.65 -3.89 -5.70
CA GLY A 134 1.66 -5.21 -5.09
C GLY A 134 3.05 -5.74 -4.93
N MET A 135 3.90 -5.55 -5.94
CA MET A 135 5.31 -5.98 -5.91
C MET A 135 6.13 -5.11 -4.97
N ALA A 136 5.86 -3.80 -4.92
CA ALA A 136 6.57 -2.92 -4.00
C ALA A 136 6.20 -3.24 -2.52
N TYR A 137 4.96 -3.73 -2.28
CA TYR A 137 4.52 -4.15 -0.94
C TYR A 137 5.27 -5.41 -0.53
N LEU A 138 5.33 -6.41 -1.46
CA LEU A 138 5.99 -7.68 -1.25
C LEU A 138 7.46 -7.49 -0.96
N HIS A 139 8.14 -6.67 -1.76
CA HIS A 139 9.56 -6.37 -1.59
C HIS A 139 9.84 -5.68 -0.24
N GLY A 140 8.91 -4.80 0.16
CA GLY A 140 8.94 -4.09 1.45
C GLY A 140 8.84 -5.02 2.64
N LYS A 141 8.17 -6.18 2.46
CA LYS A 141 7.99 -7.21 3.50
C LYS A 141 9.09 -8.29 3.40
N GLY A 142 10.09 -8.03 2.54
CA GLY A 142 11.21 -8.94 2.30
C GLY A 142 10.88 -10.12 1.43
N VAL A 143 9.65 -10.17 0.87
CA VAL A 143 9.25 -11.27 -0.02
C VAL A 143 9.77 -11.01 -1.41
N ILE A 144 10.50 -11.98 -1.94
CA ILE A 144 11.00 -11.98 -3.31
C ILE A 144 10.15 -13.04 -3.98
N HIS A 145 9.40 -12.65 -5.00
CA HIS A 145 8.46 -13.52 -5.64
C HIS A 145 9.10 -14.76 -6.23
N LYS A 146 10.09 -14.56 -7.13
CA LYS A 146 10.86 -15.60 -7.85
C LYS A 146 10.10 -16.20 -9.05
N ASP A 147 8.77 -16.10 -9.07
CA ASP A 147 7.97 -16.68 -10.14
C ASP A 147 6.86 -15.75 -10.64
N LEU A 148 7.18 -14.44 -10.84
CA LEU A 148 6.19 -13.48 -11.32
C LEU A 148 5.97 -13.72 -12.79
N LYS A 149 4.73 -13.97 -13.18
CA LYS A 149 4.34 -14.26 -14.56
C LYS A 149 2.84 -14.01 -14.73
N PRO A 150 2.26 -13.92 -15.95
CA PRO A 150 0.82 -13.62 -16.07
C PRO A 150 -0.12 -14.59 -15.36
N GLU A 151 0.33 -15.84 -15.18
CA GLU A 151 -0.43 -16.92 -14.50
C GLU A 151 -0.51 -16.70 -12.99
N ASN A 152 0.38 -15.85 -12.46
CA ASN A 152 0.44 -15.47 -11.05
C ASN A 152 -0.22 -14.13 -10.79
N ILE A 153 -0.87 -13.57 -11.81
CA ILE A 153 -1.56 -12.30 -11.68
C ILE A 153 -3.02 -12.60 -11.89
N LEU A 154 -3.82 -12.46 -10.82
CA LEU A 154 -5.24 -12.80 -10.89
C LEU A 154 -6.11 -11.57 -11.01
N VAL A 155 -7.26 -11.71 -11.72
CA VAL A 155 -8.14 -10.60 -12.03
C VAL A 155 -9.52 -10.79 -11.43
N ASP A 156 -10.08 -9.71 -10.86
CA ASP A 156 -11.43 -9.75 -10.31
C ASP A 156 -12.43 -9.32 -11.40
N ASN A 157 -13.74 -9.33 -11.09
CA ASN A 157 -14.75 -8.93 -12.06
C ASN A 157 -14.64 -7.49 -12.52
N ASP A 158 -14.14 -6.60 -11.66
CA ASP A 158 -13.97 -5.19 -11.94
C ASP A 158 -12.58 -4.85 -12.57
N PHE A 159 -11.88 -5.86 -13.10
CA PHE A 159 -10.57 -5.78 -13.78
C PHE A 159 -9.41 -5.30 -12.86
N HIS A 160 -9.60 -5.44 -11.54
CA HIS A 160 -8.56 -5.14 -10.56
C HIS A 160 -7.75 -6.43 -10.33
N ILE A 161 -6.44 -6.27 -10.11
CA ILE A 161 -5.60 -7.44 -9.98
C ILE A 161 -5.06 -7.65 -8.58
N LYS A 162 -4.64 -8.89 -8.33
CA LYS A 162 -3.99 -9.35 -7.12
C LYS A 162 -2.84 -10.29 -7.53
N ILE A 163 -1.64 -10.13 -6.91
CA ILE A 163 -0.46 -10.98 -7.15
C ILE A 163 -0.61 -12.26 -6.32
N ALA A 164 -0.45 -13.40 -6.96
CA ALA A 164 -0.58 -14.70 -6.34
C ALA A 164 0.77 -15.45 -6.35
N ASP A 165 0.91 -16.51 -5.54
CA ASP A 165 2.06 -17.44 -5.59
C ASP A 165 1.44 -18.86 -5.72
N LEU A 166 0.72 -19.10 -6.84
CA LEU A 166 -0.02 -20.31 -7.10
C LEU A 166 0.82 -21.57 -7.22
N GLY A 167 2.10 -21.38 -7.62
CA GLY A 167 3.10 -22.45 -7.77
C GLY A 167 3.88 -22.79 -6.52
N LEU A 168 3.52 -22.13 -5.40
CA LEU A 168 4.07 -22.29 -4.06
C LEU A 168 5.59 -22.08 -3.99
N ALA A 169 6.17 -21.24 -4.87
CA ALA A 169 7.62 -20.93 -4.87
C ALA A 169 8.15 -20.28 -3.57
N SER A 170 7.26 -19.67 -2.77
CA SER A 170 7.59 -18.96 -1.54
C SER A 170 7.10 -19.72 -0.27
N PHE A 171 6.63 -20.97 -0.45
CA PHE A 171 6.18 -21.90 0.61
C PHE A 171 7.08 -23.12 0.46
N LYS A 172 8.09 -23.30 1.34
CA LYS A 172 8.98 -24.44 1.16
C LYS A 172 8.38 -25.72 1.71
N MET A 173 7.82 -25.67 2.93
CA MET A 173 7.15 -26.80 3.61
C MET A 173 5.99 -27.34 2.76
N TRP A 174 5.04 -26.46 2.33
CA TRP A 174 3.86 -26.82 1.50
C TRP A 174 4.21 -27.23 0.09
N SER A 175 5.35 -26.75 -0.46
CA SER A 175 5.79 -27.14 -1.82
C SER A 175 6.27 -28.60 -1.82
N LYS A 176 6.88 -29.03 -0.69
CA LYS A 176 7.39 -30.37 -0.45
C LYS A 176 6.25 -31.38 -0.36
N LEU A 177 5.09 -30.98 0.19
CA LEU A 177 3.89 -31.82 0.31
C LEU A 177 3.33 -32.11 -1.07
N ASN A 178 3.17 -31.04 -1.89
CA ASN A 178 2.67 -31.05 -3.26
C ASN A 178 3.46 -32.04 -4.13
N ASN A 179 4.78 -32.16 -3.88
CA ASN A 179 5.68 -33.07 -4.60
C ASN A 179 6.38 -34.08 -3.65
N GLU A 180 5.67 -35.19 -3.33
CA GLU A 180 6.10 -36.28 -2.44
C GLU A 180 5.46 -37.62 -2.90
N GLU A 181 5.98 -38.77 -2.40
CA GLU A 181 5.54 -40.14 -2.72
C GLU A 181 4.16 -40.51 -2.12
N HIS A 182 3.91 -40.14 -0.85
CA HIS A 182 2.69 -40.44 -0.10
C HIS A 182 1.39 -39.77 -0.66
N ASN A 183 1.53 -38.68 -1.44
CA ASN A 183 0.45 -37.90 -2.06
C ASN A 183 -0.32 -38.68 -3.14
N GLU A 184 -1.67 -38.62 -3.08
CA GLU A 184 -2.60 -39.29 -3.98
C GLU A 184 -3.18 -38.33 -5.02
N LEU A 185 -2.28 -37.68 -5.78
CA LEU A 185 -2.51 -36.68 -6.84
C LEU A 185 -1.39 -36.97 -7.86
N GLY A 197 6.90 -25.50 -15.60
CA GLY A 197 6.58 -24.08 -15.75
C GLY A 197 7.40 -23.36 -16.81
N THR A 198 7.06 -22.07 -17.07
CA THR A 198 7.76 -21.27 -18.08
C THR A 198 8.91 -20.45 -17.49
N LEU A 199 9.93 -20.35 -18.32
CA LEU A 199 11.23 -19.73 -18.16
C LEU A 199 11.33 -18.38 -18.91
N TYR A 200 10.27 -17.98 -19.64
CA TYR A 200 10.27 -16.74 -20.43
C TYR A 200 10.37 -15.47 -19.61
N TYR A 201 9.92 -15.53 -18.33
CA TYR A 201 9.88 -14.42 -17.37
C TYR A 201 11.06 -14.49 -16.39
N MET A 202 11.91 -15.52 -16.53
CA MET A 202 13.07 -15.71 -15.65
C MET A 202 14.26 -14.83 -16.00
N ALA A 203 14.79 -14.12 -15.00
CA ALA A 203 15.98 -13.28 -15.12
C ALA A 203 17.14 -14.13 -15.66
N PRO A 204 18.01 -13.61 -16.58
CA PRO A 204 19.07 -14.47 -17.15
C PRO A 204 20.16 -14.96 -16.17
N GLU A 205 20.31 -14.31 -15.00
CA GLU A 205 21.26 -14.75 -13.95
C GLU A 205 20.87 -16.09 -13.28
N HIS A 206 19.61 -16.54 -13.51
CA HIS A 206 19.05 -17.77 -12.97
C HIS A 206 18.95 -18.82 -14.04
N LEU A 207 19.06 -18.44 -15.33
CA LEU A 207 19.03 -19.40 -16.42
C LEU A 207 20.40 -20.08 -16.43
N ASN A 208 20.44 -21.44 -16.46
CA ASN A 208 21.67 -22.24 -16.42
C ASN A 208 22.57 -21.91 -15.18
N ASP A 209 21.92 -21.51 -14.06
CA ASP A 209 22.50 -21.15 -12.75
C ASP A 209 21.44 -21.23 -11.65
N VAL A 210 21.23 -22.44 -11.15
CA VAL A 210 20.25 -22.77 -10.14
C VAL A 210 20.72 -22.42 -8.71
N ASN A 211 21.98 -22.08 -8.54
CA ASN A 211 22.53 -21.82 -7.21
C ASN A 211 22.48 -20.36 -6.76
N ALA A 212 22.46 -19.41 -7.70
CA ALA A 212 22.40 -17.98 -7.38
C ALA A 212 21.10 -17.69 -6.65
N LYS A 213 21.21 -16.95 -5.53
CA LYS A 213 20.07 -16.54 -4.70
C LYS A 213 19.28 -15.45 -5.44
N PRO A 214 17.94 -15.58 -5.61
CA PRO A 214 17.19 -14.54 -6.32
C PRO A 214 17.12 -13.24 -5.51
N THR A 215 17.00 -12.09 -6.22
CA THR A 215 16.93 -10.75 -5.59
C THR A 215 15.68 -9.98 -6.03
N GLU A 216 15.54 -8.76 -5.50
CA GLU A 216 14.46 -7.85 -5.87
C GLU A 216 14.53 -7.56 -7.39
N LYS A 217 15.75 -7.46 -7.94
CA LYS A 217 16.04 -7.22 -9.36
C LYS A 217 15.69 -8.41 -10.27
N SER A 218 15.51 -9.61 -9.70
CA SER A 218 15.13 -10.78 -10.48
C SER A 218 13.66 -10.67 -10.87
N ASP A 219 12.85 -10.03 -9.97
CA ASP A 219 11.42 -9.79 -10.13
C ASP A 219 11.15 -8.64 -11.10
N VAL A 220 12.00 -7.59 -11.05
CA VAL A 220 11.98 -6.42 -11.94
C VAL A 220 12.13 -6.92 -13.39
N TYR A 221 12.97 -7.94 -13.63
CA TYR A 221 13.12 -8.52 -14.97
C TYR A 221 11.81 -9.20 -15.44
N SER A 222 11.18 -9.99 -14.55
CA SER A 222 9.92 -10.70 -14.82
C SER A 222 8.83 -9.70 -15.18
N PHE A 223 8.75 -8.58 -14.42
CA PHE A 223 7.81 -7.47 -14.65
C PHE A 223 7.93 -6.94 -16.08
N ALA A 224 9.19 -6.76 -16.59
CA ALA A 224 9.47 -6.28 -17.94
C ALA A 224 8.83 -7.16 -19.01
N VAL A 225 8.83 -8.50 -18.80
CA VAL A 225 8.25 -9.42 -19.77
C VAL A 225 6.71 -9.44 -19.62
N VAL A 226 6.21 -9.23 -18.38
CA VAL A 226 4.76 -9.14 -18.09
C VAL A 226 4.23 -7.87 -18.82
N LEU A 227 4.99 -6.77 -18.72
CA LEU A 227 4.73 -5.51 -19.40
C LEU A 227 4.55 -5.74 -20.93
N TRP A 228 5.49 -6.52 -21.55
CA TRP A 228 5.47 -6.88 -22.97
C TRP A 228 4.19 -7.67 -23.29
N ALA A 229 3.93 -8.74 -22.52
CA ALA A 229 2.78 -9.64 -22.67
C ALA A 229 1.44 -8.91 -22.57
N ILE A 230 1.36 -7.84 -21.74
CA ILE A 230 0.16 -7.01 -21.55
C ILE A 230 -0.18 -6.29 -22.88
N PHE A 231 0.85 -5.89 -23.64
CA PHE A 231 0.67 -5.20 -24.91
C PHE A 231 0.60 -6.12 -26.11
N ALA A 232 1.33 -7.25 -26.09
CA ALA A 232 1.28 -8.18 -27.21
C ALA A 232 0.08 -9.13 -27.14
N ASN A 233 -0.62 -9.20 -25.98
CA ASN A 233 -1.78 -10.07 -25.74
C ASN A 233 -1.46 -11.56 -25.98
N LYS A 234 -0.18 -11.95 -25.79
CA LYS A 234 0.33 -13.31 -25.97
C LYS A 234 1.64 -13.55 -25.21
N GLU A 235 2.02 -14.85 -25.09
CA GLU A 235 3.27 -15.30 -24.46
C GLU A 235 4.45 -14.98 -25.40
N PRO A 236 5.65 -14.61 -24.88
CA PRO A 236 6.76 -14.26 -25.77
C PRO A 236 7.45 -15.44 -26.44
N TYR A 237 8.51 -15.11 -27.22
CA TYR A 237 9.44 -15.99 -27.95
C TYR A 237 8.75 -17.02 -28.87
N GLU A 238 7.63 -16.60 -29.53
CA GLU A 238 6.81 -17.38 -30.49
C GLU A 238 6.27 -18.70 -29.89
N ASN A 239 6.26 -18.80 -28.54
CA ASN A 239 5.87 -19.98 -27.76
C ASN A 239 6.74 -21.21 -28.12
N ALA A 240 8.05 -20.95 -28.41
CA ALA A 240 9.07 -21.95 -28.73
C ALA A 240 9.44 -22.63 -27.43
N ILE A 241 9.38 -23.98 -27.39
CA ILE A 241 9.76 -24.74 -26.19
C ILE A 241 11.09 -24.21 -25.60
N ALA A 242 11.15 -24.02 -24.28
CA ALA A 242 12.37 -23.56 -23.62
C ALA A 242 13.46 -24.58 -23.98
N GLU A 243 14.46 -24.12 -24.74
CA GLU A 243 15.55 -24.96 -25.23
C GLU A 243 16.89 -24.31 -24.89
N GLN A 244 17.98 -25.08 -25.01
CA GLN A 244 19.33 -24.57 -24.76
C GLN A 244 19.69 -23.45 -25.75
N GLN A 245 19.18 -23.54 -26.98
CA GLN A 245 19.37 -22.51 -28.01
C GLN A 245 18.74 -21.19 -27.54
N LEU A 246 17.47 -21.23 -27.10
CA LEU A 246 16.73 -20.08 -26.58
C LEU A 246 17.37 -19.52 -25.31
N ILE A 247 17.67 -20.41 -24.29
CA ILE A 247 18.31 -20.03 -23.01
C ILE A 247 19.59 -19.24 -23.26
N MET A 248 20.51 -19.80 -24.08
CA MET A 248 21.78 -19.19 -24.46
C MET A 248 21.60 -17.84 -25.17
N ALA A 249 20.52 -17.71 -25.99
CA ALA A 249 20.18 -16.47 -26.68
C ALA A 249 19.74 -15.37 -25.68
N ILE A 250 18.86 -15.72 -24.71
CA ILE A 250 18.40 -14.79 -23.65
C ILE A 250 19.60 -14.37 -22.77
N LYS A 251 20.51 -15.34 -22.49
CA LYS A 251 21.72 -15.11 -21.72
C LYS A 251 22.64 -14.16 -22.48
N SER A 252 22.69 -14.30 -23.82
CA SER A 252 23.49 -13.45 -24.71
C SER A 252 22.94 -12.00 -24.75
N GLY A 253 21.61 -11.87 -24.81
CA GLY A 253 20.96 -10.57 -24.83
C GLY A 253 19.60 -10.51 -25.53
N ASN A 254 19.11 -11.65 -26.03
CA ASN A 254 17.82 -11.74 -26.70
C ASN A 254 16.64 -11.42 -25.75
N ARG A 255 15.69 -10.61 -26.24
CA ARG A 255 14.51 -10.19 -25.50
C ARG A 255 13.28 -10.34 -26.39
N PRO A 256 12.05 -10.39 -25.83
CA PRO A 256 10.86 -10.51 -26.70
C PRO A 256 10.81 -9.41 -27.74
N ASP A 257 10.32 -9.75 -28.95
CA ASP A 257 10.20 -8.84 -30.10
C ASP A 257 9.26 -7.66 -29.82
N VAL A 258 9.84 -6.45 -29.66
CA VAL A 258 9.07 -5.22 -29.41
C VAL A 258 8.16 -4.91 -30.61
N ASP A 259 8.62 -5.21 -31.83
CA ASP A 259 7.89 -5.00 -33.09
C ASP A 259 6.75 -6.01 -33.30
N ASP A 260 6.67 -7.01 -32.42
CA ASP A 260 5.58 -8.00 -32.44
C ASP A 260 4.34 -7.46 -31.69
N ILE A 261 4.44 -6.21 -31.17
CA ILE A 261 3.33 -5.50 -30.54
C ILE A 261 2.63 -4.72 -31.66
N THR A 262 1.39 -5.14 -31.98
CA THR A 262 0.56 -4.54 -33.03
C THR A 262 -0.22 -3.35 -32.49
N GLU A 263 -0.87 -3.51 -31.30
CA GLU A 263 -1.64 -2.41 -30.71
C GLU A 263 -0.74 -1.26 -30.18
N TYR A 264 -1.36 -0.11 -29.91
CA TYR A 264 -0.64 1.07 -29.44
C TYR A 264 -0.03 0.86 -28.09
N CYS A 265 1.29 1.05 -28.03
CA CYS A 265 2.06 0.98 -26.80
C CYS A 265 2.84 2.27 -26.70
N PRO A 266 2.54 3.13 -25.69
CA PRO A 266 3.30 4.39 -25.56
C PRO A 266 4.80 4.22 -25.40
N ARG A 267 5.53 5.19 -25.95
CA ARG A 267 6.99 5.31 -25.95
C ARG A 267 7.60 5.04 -24.56
N GLU A 268 6.96 5.59 -23.51
CA GLU A 268 7.36 5.50 -22.10
C GLU A 268 7.35 4.06 -21.58
N ILE A 269 6.32 3.26 -21.97
CA ILE A 269 6.14 1.85 -21.57
C ILE A 269 7.17 0.94 -22.28
N ILE A 270 7.55 1.28 -23.54
CA ILE A 270 8.57 0.52 -24.26
C ILE A 270 9.94 0.79 -23.64
N SER A 271 10.19 2.03 -23.23
CA SER A 271 11.44 2.41 -22.57
C SER A 271 11.54 1.73 -21.21
N LEU A 272 10.40 1.68 -20.46
CA LEU A 272 10.30 1.04 -19.15
C LEU A 272 10.63 -0.44 -19.26
N MET A 273 10.02 -1.17 -20.24
CA MET A 273 10.27 -2.60 -20.37
C MET A 273 11.71 -2.88 -20.77
N LYS A 274 12.29 -2.05 -21.64
CA LYS A 274 13.69 -2.15 -22.11
C LYS A 274 14.67 -1.90 -20.98
N LEU A 275 14.29 -1.05 -20.02
CA LEU A 275 15.12 -0.74 -18.86
C LEU A 275 15.04 -1.88 -17.82
N CYS A 276 13.83 -2.41 -17.61
CA CYS A 276 13.61 -3.47 -16.63
C CYS A 276 14.17 -4.83 -17.07
N TRP A 277 14.33 -5.07 -18.39
CA TRP A 277 14.89 -6.36 -18.81
C TRP A 277 16.39 -6.28 -19.16
N GLU A 278 17.10 -5.28 -18.59
CA GLU A 278 18.56 -5.09 -18.73
C GLU A 278 19.32 -6.34 -18.26
N ALA A 279 20.38 -6.75 -19.00
CA ALA A 279 21.18 -7.94 -18.65
C ALA A 279 21.82 -7.77 -17.26
N ASN A 280 22.37 -6.58 -16.98
CA ASN A 280 22.97 -6.28 -15.68
C ASN A 280 21.86 -5.98 -14.64
N PRO A 281 21.72 -6.83 -13.59
CA PRO A 281 20.69 -6.60 -12.56
C PRO A 281 20.78 -5.26 -11.85
N GLU A 282 22.00 -4.74 -11.70
CA GLU A 282 22.28 -3.47 -11.03
C GLU A 282 21.75 -2.25 -11.83
N ALA A 283 21.53 -2.42 -13.15
CA ALA A 283 21.02 -1.38 -14.06
C ALA A 283 19.47 -1.29 -14.10
N ARG A 284 18.78 -2.29 -13.51
CA ARG A 284 17.33 -2.36 -13.44
C ARG A 284 16.82 -1.47 -12.30
N PRO A 285 15.64 -0.82 -12.43
CA PRO A 285 15.12 -0.02 -11.29
C PRO A 285 14.57 -0.87 -10.13
N THR A 286 14.03 -0.22 -9.09
CA THR A 286 13.36 -0.90 -7.98
C THR A 286 11.86 -0.66 -8.24
N PHE A 287 10.97 -1.43 -7.57
CA PHE A 287 9.54 -1.18 -7.74
C PHE A 287 9.11 0.15 -7.15
N PRO A 288 9.60 0.64 -5.98
CA PRO A 288 9.23 1.99 -5.54
C PRO A 288 9.71 3.06 -6.53
N GLY A 289 10.86 2.79 -7.18
CA GLY A 289 11.44 3.64 -8.21
C GLY A 289 10.53 3.72 -9.42
N ILE A 290 10.04 2.55 -9.92
CA ILE A 290 9.12 2.41 -11.06
C ILE A 290 7.81 3.15 -10.76
N GLU A 291 7.26 3.01 -9.52
CA GLU A 291 6.00 3.64 -9.07
C GLU A 291 6.04 5.16 -9.16
N GLU A 292 7.16 5.75 -8.71
CA GLU A 292 7.40 7.19 -8.68
C GLU A 292 7.32 7.84 -10.07
N LYS A 293 7.72 7.08 -11.11
CA LYS A 293 7.67 7.54 -12.49
C LYS A 293 6.39 7.10 -13.20
N PHE A 294 5.89 5.88 -12.91
CA PHE A 294 4.69 5.36 -13.55
C PHE A 294 3.38 5.98 -13.04
N ARG A 295 3.25 6.30 -11.72
CA ARG A 295 2.00 6.91 -11.23
C ARG A 295 1.68 8.25 -11.94
N PRO A 296 2.64 9.21 -12.06
CA PRO A 296 2.35 10.46 -12.79
C PRO A 296 1.96 10.23 -14.26
N PHE A 297 2.66 9.29 -14.95
CA PHE A 297 2.40 8.92 -16.35
C PHE A 297 1.01 8.32 -16.55
N TYR A 298 0.54 7.46 -15.62
CA TYR A 298 -0.78 6.85 -15.73
C TYR A 298 -1.85 7.92 -15.54
N LEU A 299 -1.68 8.78 -14.51
CA LEU A 299 -2.66 9.83 -14.19
C LEU A 299 -2.86 10.85 -15.31
N SER A 300 -1.74 11.38 -15.85
CA SER A 300 -1.76 12.37 -16.91
C SER A 300 -2.04 11.81 -18.30
N GLN A 301 -1.46 10.66 -18.67
CA GLN A 301 -1.62 10.16 -20.02
C GLN A 301 -2.51 8.92 -20.23
N LEU A 302 -2.62 8.01 -19.25
CA LEU A 302 -3.37 6.77 -19.48
C LEU A 302 -4.80 6.74 -18.93
N GLU A 303 -5.03 7.42 -17.81
CA GLU A 303 -6.33 7.43 -17.15
C GLU A 303 -7.28 8.37 -17.88
N LEU B 16 15.87 8.83 -2.85
CA LEU B 16 17.04 8.13 -2.29
C LEU B 16 17.10 8.31 -0.77
N ASN B 17 18.01 9.15 -0.25
CA ASN B 17 18.12 9.45 1.19
C ASN B 17 17.82 10.97 1.40
N VAL B 18 17.87 11.46 2.66
CA VAL B 18 17.69 12.88 3.02
C VAL B 18 18.82 13.73 2.39
N ILE B 19 18.43 14.75 1.65
CA ILE B 19 19.38 15.66 1.02
C ILE B 19 19.73 16.70 2.08
N LYS B 20 21.03 16.83 2.38
CA LYS B 20 21.45 17.86 3.30
C LYS B 20 21.62 19.08 2.41
N MET B 21 20.61 19.95 2.47
CA MET B 21 20.50 21.14 1.63
C MET B 21 21.17 22.38 2.25
N LYS B 22 21.55 23.32 1.34
CA LYS B 22 22.16 24.62 1.61
C LYS B 22 21.15 25.68 1.18
N SER B 23 21.22 26.88 1.78
CA SER B 23 20.34 27.98 1.40
C SER B 23 20.67 28.46 -0.02
N SER B 24 21.94 28.29 -0.42
CA SER B 24 22.47 28.61 -1.76
C SER B 24 21.82 27.75 -2.87
N ASP B 25 21.13 26.64 -2.50
CA ASP B 25 20.44 25.75 -3.45
C ASP B 25 19.04 26.26 -3.83
N PHE B 26 18.57 27.30 -3.13
CA PHE B 26 17.27 27.91 -3.29
C PHE B 26 17.38 29.33 -3.83
N LEU B 27 16.58 29.67 -4.88
CA LEU B 27 16.58 31.00 -5.52
C LEU B 27 15.71 31.96 -4.73
N GLY B 38 7.97 28.69 14.14
CA GLY B 38 8.32 28.60 12.73
C GLY B 38 7.59 29.52 11.77
N LYS B 39 7.97 29.44 10.45
CA LYS B 39 7.42 30.20 9.31
C LYS B 39 7.37 29.26 8.07
N VAL B 40 6.18 29.02 7.49
CA VAL B 40 6.05 28.19 6.29
C VAL B 40 6.19 29.06 5.03
N SER B 41 7.09 28.67 4.12
CA SER B 41 7.33 29.44 2.91
C SER B 41 7.61 28.58 1.69
N LEU B 42 7.17 29.10 0.53
CA LEU B 42 7.37 28.44 -0.75
C LEU B 42 8.85 28.66 -1.07
N ALA B 43 9.51 27.63 -1.60
CA ALA B 43 10.92 27.74 -1.93
C ALA B 43 11.24 27.11 -3.26
N PHE B 44 12.04 27.79 -4.09
CA PHE B 44 12.40 27.22 -5.37
C PHE B 44 13.83 26.74 -5.39
N HIS B 45 14.01 25.43 -5.45
CA HIS B 45 15.30 24.76 -5.50
C HIS B 45 15.78 24.82 -6.95
N ARG B 46 17.01 25.34 -7.18
CA ARG B 46 17.58 25.54 -8.51
C ARG B 46 17.57 24.31 -9.41
N THR B 47 17.68 23.11 -8.82
CA THR B 47 17.70 21.88 -9.60
C THR B 47 16.39 21.08 -9.47
N GLN B 48 15.85 20.95 -8.24
CA GLN B 48 14.67 20.13 -7.95
C GLN B 48 13.30 20.86 -8.10
N GLY B 49 13.26 22.17 -7.94
CA GLY B 49 12.03 22.93 -8.15
C GLY B 49 11.28 23.40 -6.92
N LEU B 50 9.95 23.50 -7.04
CA LEU B 50 9.01 23.95 -5.99
C LEU B 50 8.94 22.99 -4.80
N MET B 51 9.01 23.56 -3.59
CA MET B 51 9.02 22.86 -2.32
C MET B 51 8.49 23.78 -1.23
N ILE B 52 8.13 23.21 -0.09
CA ILE B 52 7.68 23.98 1.05
C ILE B 52 8.72 23.86 2.16
N MET B 53 9.08 25.00 2.74
CA MET B 53 10.09 25.08 3.75
C MET B 53 9.61 25.74 5.01
N LYS B 54 9.87 25.08 6.13
CA LYS B 54 9.60 25.61 7.45
C LYS B 54 10.95 25.82 8.11
N THR B 55 11.21 27.06 8.50
CA THR B 55 12.40 27.39 9.25
C THR B 55 11.96 27.16 10.70
N VAL B 56 12.62 26.19 11.36
CA VAL B 56 12.34 25.74 12.73
C VAL B 56 13.05 26.65 13.74
N TYR B 57 14.37 26.89 13.53
CA TYR B 57 15.20 27.71 14.39
C TYR B 57 15.97 28.76 13.63
N LYS B 58 16.03 29.96 14.21
CA LYS B 58 16.77 31.12 13.74
C LYS B 58 17.30 31.74 15.03
N GLY B 59 18.61 31.62 15.24
CA GLY B 59 19.25 32.17 16.43
C GLY B 59 20.71 31.79 16.56
N PRO B 60 21.26 31.77 17.81
CA PRO B 60 22.67 31.40 17.99
C PRO B 60 23.01 29.95 17.67
N ASN B 61 24.26 29.70 17.26
CA ASN B 61 24.74 28.36 16.93
C ASN B 61 24.63 27.36 18.10
N CYS B 62 24.34 26.08 17.78
CA CYS B 62 24.18 24.97 18.75
C CYS B 62 24.52 23.59 18.10
N ILE B 63 25.75 23.48 17.55
CA ILE B 63 26.35 22.32 16.83
C ILE B 63 26.26 20.95 17.59
N GLU B 64 26.01 20.97 18.92
CA GLU B 64 25.92 19.74 19.71
C GLU B 64 24.70 18.88 19.31
N HIS B 65 23.58 19.53 18.94
CA HIS B 65 22.34 18.87 18.56
C HIS B 65 22.30 18.40 17.10
N ASN B 66 23.23 18.90 16.26
CA ASN B 66 23.31 18.67 14.82
C ASN B 66 23.24 17.23 14.32
N GLU B 67 24.04 16.34 14.90
CA GLU B 67 24.12 14.93 14.52
C GLU B 67 22.79 14.22 14.77
N ALA B 68 22.15 14.53 15.93
CA ALA B 68 20.85 14.02 16.37
C ALA B 68 19.73 14.47 15.43
N LEU B 69 19.66 15.81 15.13
CA LEU B 69 18.69 16.42 14.23
C LEU B 69 18.77 15.78 12.85
N LEU B 70 20.00 15.61 12.34
CA LEU B 70 20.24 14.97 11.04
C LEU B 70 19.79 13.52 11.03
N GLU B 71 19.99 12.81 12.15
CA GLU B 71 19.57 11.42 12.28
C GLU B 71 18.08 11.27 12.36
N GLU B 72 17.41 12.22 13.01
CA GLU B 72 15.97 12.29 13.12
C GLU B 72 15.38 12.45 11.74
N ALA B 73 15.91 13.38 10.93
CA ALA B 73 15.48 13.63 9.55
C ALA B 73 15.67 12.39 8.66
N LYS B 74 16.82 11.72 8.79
CA LYS B 74 17.16 10.48 8.06
C LYS B 74 16.09 9.37 8.34
N MET B 75 15.68 9.23 9.62
CA MET B 75 14.70 8.24 10.03
C MET B 75 13.30 8.56 9.51
N MET B 76 12.94 9.85 9.52
CA MET B 76 11.64 10.31 9.09
C MET B 76 11.50 10.25 7.58
N ASN B 77 12.63 10.44 6.87
CA ASN B 77 12.70 10.36 5.40
C ASN B 77 12.54 8.88 4.99
N ARG B 78 12.58 7.90 5.94
CA ARG B 78 12.38 6.49 5.65
C ARG B 78 10.86 6.13 5.47
N LEU B 79 9.96 7.01 5.92
CA LEU B 79 8.51 6.84 5.81
C LEU B 79 8.10 7.23 4.37
N ARG B 80 8.08 6.22 3.49
CA ARG B 80 7.80 6.39 2.06
C ARG B 80 6.54 5.64 1.59
N HIS B 81 5.48 6.38 1.25
CA HIS B 81 4.18 5.89 0.77
C HIS B 81 3.50 7.01 -0.03
N SER B 82 2.67 6.67 -1.02
CA SER B 82 1.99 7.68 -1.87
C SER B 82 1.06 8.62 -1.11
N ARG B 83 0.49 8.16 0.03
CA ARG B 83 -0.45 8.93 0.84
C ARG B 83 0.17 9.49 2.13
N VAL B 84 1.52 9.55 2.17
CA VAL B 84 2.33 10.09 3.28
C VAL B 84 3.33 11.10 2.70
N VAL B 85 3.42 12.29 3.31
CA VAL B 85 4.30 13.40 2.90
C VAL B 85 5.75 12.99 2.83
N LYS B 86 6.42 13.39 1.74
CA LYS B 86 7.85 13.20 1.50
C LYS B 86 8.60 14.38 2.12
N LEU B 87 9.62 14.08 2.95
CA LEU B 87 10.54 15.07 3.50
C LEU B 87 11.66 15.05 2.47
N LEU B 88 11.90 16.17 1.78
CA LEU B 88 12.90 16.22 0.73
C LEU B 88 14.32 16.52 1.23
N GLY B 89 14.45 17.39 2.24
CA GLY B 89 15.74 17.72 2.81
C GLY B 89 15.72 18.52 4.10
N VAL B 90 16.92 18.86 4.58
CA VAL B 90 17.13 19.66 5.79
C VAL B 90 18.16 20.73 5.51
N ILE B 91 18.03 21.86 6.21
CA ILE B 91 19.02 22.92 6.14
C ILE B 91 19.49 23.09 7.57
N ILE B 92 20.73 22.66 7.81
CA ILE B 92 21.39 22.76 9.09
C ILE B 92 22.56 23.69 8.87
N GLU B 93 22.41 24.94 9.29
CA GLU B 93 23.44 25.97 9.12
C GLU B 93 23.66 26.69 10.43
N GLU B 94 24.72 27.54 10.49
CA GLU B 94 25.02 28.28 11.70
C GLU B 94 23.85 29.18 12.07
N GLY B 95 23.15 28.77 13.13
CA GLY B 95 21.98 29.45 13.68
C GLY B 95 20.71 29.38 12.86
N LYS B 96 20.67 28.56 11.78
CA LYS B 96 19.49 28.43 10.91
C LYS B 96 19.15 26.96 10.64
N TYR B 97 18.00 26.51 11.14
CA TYR B 97 17.54 25.13 11.00
C TYR B 97 16.21 25.09 10.30
N SER B 98 16.15 24.36 9.17
CA SER B 98 14.97 24.29 8.32
C SER B 98 14.69 22.89 7.85
N LEU B 99 13.38 22.58 7.69
CA LEU B 99 12.89 21.30 7.15
C LEU B 99 12.28 21.58 5.77
N VAL B 100 12.48 20.68 4.81
CA VAL B 100 11.95 20.91 3.46
C VAL B 100 11.08 19.72 3.07
N MET B 101 9.79 19.95 2.85
CA MET B 101 8.88 18.88 2.44
C MET B 101 8.41 19.14 1.01
N GLU B 102 7.76 18.16 0.37
CA GLU B 102 7.24 18.33 -0.99
C GLU B 102 6.10 19.37 -1.06
N TYR B 103 5.85 19.95 -2.23
CA TYR B 103 4.80 20.94 -2.44
C TYR B 103 3.37 20.35 -2.65
N MET B 104 2.34 20.95 -2.01
CA MET B 104 0.93 20.57 -2.17
C MET B 104 0.10 21.83 -2.42
N GLU B 105 -0.69 21.85 -3.49
CA GLU B 105 -1.44 23.04 -3.96
C GLU B 105 -2.81 23.35 -3.33
N LYS B 106 -3.70 22.36 -3.15
CA LYS B 106 -5.07 22.67 -2.67
C LYS B 106 -5.16 22.88 -1.13
N GLY B 107 -4.02 23.10 -0.47
CA GLY B 107 -3.99 23.36 0.96
C GLY B 107 -4.11 22.10 1.77
N ASN B 108 -4.99 22.14 2.78
CA ASN B 108 -5.27 21.01 3.66
C ASN B 108 -6.72 20.62 3.51
N LEU B 109 -7.16 19.52 4.17
CA LEU B 109 -8.52 19.01 4.06
C LEU B 109 -9.57 20.04 4.43
N MET B 110 -9.30 20.90 5.44
CA MET B 110 -10.27 21.92 5.82
C MET B 110 -10.39 23.06 4.80
N HIS B 111 -9.28 23.50 4.16
CA HIS B 111 -9.34 24.54 3.13
C HIS B 111 -10.22 24.06 1.97
N VAL B 112 -10.20 22.74 1.68
CA VAL B 112 -11.01 22.08 0.66
C VAL B 112 -12.50 21.95 1.09
N LEU B 113 -12.76 21.50 2.34
CA LEU B 113 -14.10 21.31 2.88
C LEU B 113 -14.88 22.62 3.07
N LYS B 114 -14.17 23.72 3.40
CA LYS B 114 -14.78 25.02 3.62
C LYS B 114 -14.71 25.92 2.38
N ALA B 115 -14.28 25.36 1.21
CA ALA B 115 -14.19 26.07 -0.08
C ALA B 115 -15.58 26.19 -0.71
N GLU B 116 -15.78 27.23 -1.57
CA GLU B 116 -17.05 27.52 -2.25
C GLU B 116 -17.56 26.36 -3.13
N MET B 117 -16.64 25.76 -3.93
CA MET B 117 -16.91 24.66 -4.85
C MET B 117 -17.24 23.34 -4.14
N SER B 118 -18.25 22.61 -4.66
CA SER B 118 -18.70 21.34 -4.11
C SER B 118 -17.77 20.16 -4.43
N THR B 119 -17.47 19.36 -3.39
CA THR B 119 -16.66 18.16 -3.48
C THR B 119 -17.64 16.97 -3.59
N PRO B 120 -17.68 16.26 -4.76
CA PRO B 120 -18.63 15.14 -4.92
C PRO B 120 -18.41 13.96 -3.97
N LEU B 121 -19.45 13.13 -3.76
CA LEU B 121 -19.40 11.93 -2.91
C LEU B 121 -18.33 10.93 -3.40
N SER B 122 -18.10 10.86 -4.73
CA SER B 122 -17.09 9.98 -5.34
C SER B 122 -15.67 10.43 -4.96
N VAL B 123 -15.47 11.76 -4.82
CA VAL B 123 -14.19 12.36 -4.46
C VAL B 123 -13.91 12.17 -2.97
N LYS B 124 -14.91 12.44 -2.12
CA LYS B 124 -14.86 12.27 -0.65
C LYS B 124 -14.50 10.82 -0.26
N GLY B 125 -15.14 9.84 -0.93
CA GLY B 125 -14.88 8.41 -0.75
C GLY B 125 -13.43 8.06 -1.03
N ARG B 126 -12.89 8.70 -2.08
CA ARG B 126 -11.50 8.55 -2.52
C ARG B 126 -10.57 9.07 -1.44
N ILE B 127 -10.84 10.32 -0.94
CA ILE B 127 -10.09 11.03 0.11
C ILE B 127 -10.05 10.19 1.40
N ILE B 128 -11.19 9.58 1.78
CA ILE B 128 -11.33 8.73 2.97
C ILE B 128 -10.46 7.48 2.84
N LEU B 129 -10.57 6.76 1.70
CA LEU B 129 -9.82 5.55 1.45
C LEU B 129 -8.31 5.81 1.52
N GLU B 130 -7.88 6.92 0.93
CA GLU B 130 -6.48 7.37 0.93
C GLU B 130 -5.97 7.67 2.35
N ILE B 131 -6.85 8.22 3.22
CA ILE B 131 -6.52 8.52 4.63
C ILE B 131 -6.32 7.18 5.35
N ILE B 132 -7.22 6.22 5.09
CA ILE B 132 -7.16 4.87 5.66
C ILE B 132 -5.83 4.20 5.24
N GLU B 133 -5.48 4.25 3.92
CA GLU B 133 -4.24 3.70 3.35
C GLU B 133 -2.98 4.27 4.03
N GLY B 134 -2.86 5.61 4.04
CA GLY B 134 -1.74 6.32 4.65
C GLY B 134 -1.61 6.06 6.13
N MET B 135 -2.76 5.97 6.85
CA MET B 135 -2.80 5.69 8.29
C MET B 135 -2.40 4.24 8.57
N ALA B 136 -2.91 3.28 7.75
CA ALA B 136 -2.59 1.85 7.84
C ALA B 136 -1.09 1.64 7.58
N TYR B 137 -0.51 2.41 6.60
CA TYR B 137 0.94 2.37 6.31
C TYR B 137 1.74 2.83 7.52
N LEU B 138 1.38 3.98 8.10
CA LEU B 138 2.06 4.57 9.26
C LEU B 138 2.04 3.65 10.47
N HIS B 139 0.89 3.00 10.73
CA HIS B 139 0.75 2.11 11.86
C HIS B 139 1.58 0.86 11.68
N GLY B 140 1.66 0.36 10.44
CA GLY B 140 2.46 -0.78 10.03
C GLY B 140 3.96 -0.57 10.21
N LYS B 141 4.40 0.70 10.17
CA LYS B 141 5.79 1.11 10.39
C LYS B 141 6.03 1.45 11.88
N GLY B 142 5.01 1.24 12.72
CA GLY B 142 5.07 1.50 14.15
C GLY B 142 5.08 2.97 14.54
N VAL B 143 4.49 3.82 13.69
CA VAL B 143 4.39 5.25 13.92
C VAL B 143 2.95 5.59 14.36
N ILE B 144 2.79 6.15 15.56
CA ILE B 144 1.51 6.67 16.00
C ILE B 144 1.60 8.18 15.73
N HIS B 145 0.65 8.69 14.93
CA HIS B 145 0.57 10.07 14.51
C HIS B 145 0.53 11.06 15.71
N LYS B 146 -0.46 10.85 16.60
CA LYS B 146 -0.73 11.60 17.85
C LYS B 146 -1.55 12.88 17.61
N ASP B 147 -1.59 13.41 16.36
CA ASP B 147 -2.36 14.61 16.06
C ASP B 147 -2.98 14.56 14.68
N LEU B 148 -3.81 13.54 14.43
CA LEU B 148 -4.50 13.41 13.17
C LEU B 148 -5.71 14.34 13.20
N LYS B 149 -5.74 15.30 12.26
CA LYS B 149 -6.75 16.35 12.10
C LYS B 149 -6.71 16.87 10.66
N PRO B 150 -7.76 17.57 10.15
CA PRO B 150 -7.74 18.02 8.74
C PRO B 150 -6.59 18.95 8.31
N GLU B 151 -5.91 19.57 9.28
CA GLU B 151 -4.78 20.49 9.07
C GLU B 151 -3.56 19.70 8.67
N ASN B 152 -3.53 18.41 9.05
CA ASN B 152 -2.45 17.48 8.76
C ASN B 152 -2.75 16.59 7.56
N ILE B 153 -3.86 16.83 6.86
CA ILE B 153 -4.19 16.08 5.66
C ILE B 153 -4.04 17.05 4.48
N LEU B 154 -2.92 16.95 3.75
CA LEU B 154 -2.61 17.84 2.64
C LEU B 154 -3.28 17.37 1.38
N VAL B 155 -3.93 18.30 0.68
CA VAL B 155 -4.70 18.00 -0.53
C VAL B 155 -4.02 18.59 -1.78
N ASP B 156 -3.79 17.75 -2.80
CA ASP B 156 -3.17 18.11 -4.09
C ASP B 156 -4.23 18.71 -5.04
N ASN B 157 -3.79 19.27 -6.20
CA ASN B 157 -4.63 19.87 -7.26
C ASN B 157 -5.62 18.81 -7.81
N ASP B 158 -5.17 17.56 -7.89
CA ASP B 158 -5.99 16.46 -8.36
C ASP B 158 -6.93 15.89 -7.27
N PHE B 159 -6.92 16.45 -6.04
CA PHE B 159 -7.71 16.05 -4.86
C PHE B 159 -7.25 14.69 -4.24
N HIS B 160 -5.95 14.40 -4.40
CA HIS B 160 -5.27 13.24 -3.82
C HIS B 160 -4.65 13.75 -2.52
N ILE B 161 -4.69 12.95 -1.45
CA ILE B 161 -4.20 13.42 -0.16
C ILE B 161 -2.87 12.78 0.29
N LYS B 162 -2.23 13.42 1.27
CA LYS B 162 -1.01 12.98 1.91
C LYS B 162 -1.10 13.35 3.39
N ILE B 163 -0.79 12.39 4.28
CA ILE B 163 -0.80 12.62 5.74
C ILE B 163 0.52 13.25 6.15
N ALA B 164 0.44 14.36 6.88
CA ALA B 164 1.56 15.15 7.35
C ALA B 164 1.58 15.22 8.87
N ASP B 165 2.69 15.69 9.47
CA ASP B 165 2.85 15.95 10.92
C ASP B 165 3.54 17.32 10.99
N LEU B 166 2.80 18.37 10.65
CA LEU B 166 3.31 19.73 10.54
C LEU B 166 3.69 20.35 11.89
N GLY B 167 3.06 19.85 12.95
CA GLY B 167 3.29 20.27 14.33
C GLY B 167 4.53 19.65 14.95
N LEU B 168 5.17 18.74 14.18
CA LEU B 168 6.38 18.02 14.54
C LEU B 168 6.22 17.17 15.80
N ALA B 169 4.98 16.72 16.15
CA ALA B 169 4.68 15.88 17.34
C ALA B 169 5.59 14.69 17.46
N SER B 170 5.78 13.96 16.34
CA SER B 170 6.61 12.75 16.20
C SER B 170 8.14 13.02 16.07
N PHE B 171 8.57 14.30 15.97
CA PHE B 171 9.99 14.72 15.85
C PHE B 171 10.49 15.22 17.21
N LYS B 172 11.11 14.33 17.99
CA LYS B 172 11.61 14.60 19.34
C LYS B 172 12.63 15.76 19.40
N MET B 173 13.65 15.69 18.56
CA MET B 173 14.77 16.63 18.51
C MET B 173 14.38 17.96 17.89
N TRP B 174 13.60 17.90 16.79
CA TRP B 174 13.16 19.07 16.06
C TRP B 174 12.13 19.86 16.86
N SER B 175 11.34 19.17 17.74
CA SER B 175 10.37 19.84 18.64
C SER B 175 11.16 20.55 19.72
N LYS B 176 12.22 19.88 20.25
CA LYS B 176 13.12 20.44 21.25
C LYS B 176 13.75 21.72 20.68
N LEU B 177 14.34 21.60 19.47
CA LEU B 177 15.00 22.68 18.73
C LEU B 177 14.12 23.91 18.60
N ASN B 178 12.84 23.68 18.26
CA ASN B 178 11.83 24.70 18.08
C ASN B 178 11.56 25.47 19.37
N ASN B 179 11.24 24.73 20.45
CA ASN B 179 10.85 25.28 21.75
C ASN B 179 11.98 25.92 22.56
N GLU B 180 13.26 25.71 22.12
CA GLU B 180 14.45 26.23 22.76
C GLU B 180 14.36 27.75 22.90
N GLU B 181 14.57 28.25 24.15
CA GLU B 181 14.49 29.65 24.60
C GLU B 181 15.16 30.71 23.68
N HIS B 182 16.34 30.37 23.12
CA HIS B 182 17.13 31.28 22.28
C HIS B 182 16.66 31.39 20.84
N ASN B 183 15.55 30.71 20.49
CA ASN B 183 14.97 30.75 19.14
C ASN B 183 14.18 32.02 18.95
N GLU B 184 14.59 32.84 17.96
CA GLU B 184 13.94 34.11 17.61
C GLU B 184 12.48 33.87 17.11
N LEU B 185 12.17 32.63 16.72
CA LEU B 185 10.86 32.23 16.21
C LEU B 185 10.03 31.54 17.30
N THR B 198 -7.11 22.05 18.42
CA THR B 198 -6.37 20.80 18.52
C THR B 198 -7.20 19.75 19.27
N LEU B 199 -8.01 20.22 20.24
CA LEU B 199 -8.92 19.50 21.12
C LEU B 199 -10.01 18.62 20.45
N TYR B 200 -10.62 19.08 19.34
CA TYR B 200 -11.74 18.44 18.65
C TYR B 200 -11.55 17.00 18.18
N TYR B 201 -10.30 16.63 17.83
CA TYR B 201 -9.95 15.35 17.22
C TYR B 201 -9.21 14.41 18.17
N MET B 202 -9.06 14.86 19.42
CA MET B 202 -8.39 14.13 20.48
C MET B 202 -9.32 13.14 21.18
N ALA B 203 -8.84 11.89 21.30
CA ALA B 203 -9.54 10.80 21.97
C ALA B 203 -9.85 11.20 23.44
N PRO B 204 -11.07 10.87 23.96
CA PRO B 204 -11.44 11.31 25.33
C PRO B 204 -10.40 11.03 26.41
N GLU B 205 -9.75 9.85 26.34
CA GLU B 205 -8.70 9.39 27.25
C GLU B 205 -7.52 10.38 27.43
N HIS B 206 -7.30 11.27 26.44
CA HIS B 206 -6.19 12.24 26.48
C HIS B 206 -6.61 13.63 26.95
N LEU B 207 -7.93 13.90 27.03
CA LEU B 207 -8.44 15.20 27.50
C LEU B 207 -8.27 15.26 29.01
N ASN B 208 -7.59 16.32 29.50
CA ASN B 208 -7.29 16.57 30.93
C ASN B 208 -6.26 15.60 31.52
N ASP B 209 -5.82 14.60 30.72
CA ASP B 209 -4.81 13.64 31.14
C ASP B 209 -3.52 13.81 30.32
N VAL B 210 -2.54 14.47 30.94
CA VAL B 210 -1.21 14.76 30.37
C VAL B 210 -0.39 13.46 30.21
N ASN B 211 -0.46 12.57 31.22
CA ASN B 211 0.30 11.34 31.29
C ASN B 211 -0.23 10.17 30.43
N ALA B 212 -1.40 10.32 29.76
CA ALA B 212 -1.98 9.27 28.90
C ALA B 212 -1.11 9.00 27.66
N LYS B 213 -0.59 7.75 27.51
CA LYS B 213 0.23 7.38 26.36
C LYS B 213 -0.62 7.09 25.13
N PRO B 214 -0.38 7.88 24.05
CA PRO B 214 -1.17 7.71 22.83
C PRO B 214 -0.85 6.41 22.13
N THR B 215 -1.89 5.68 21.73
CA THR B 215 -1.77 4.40 21.04
C THR B 215 -2.41 4.50 19.67
N GLU B 216 -2.37 3.41 18.89
CA GLU B 216 -2.98 3.38 17.56
C GLU B 216 -4.50 3.69 17.61
N LYS B 217 -5.16 3.42 18.77
CA LYS B 217 -6.61 3.60 19.00
C LYS B 217 -7.01 5.07 19.12
N SER B 218 -6.08 5.92 19.61
CA SER B 218 -6.21 7.36 19.71
C SER B 218 -6.34 7.92 18.30
N ASP B 219 -5.45 7.51 17.37
CA ASP B 219 -5.45 7.89 15.95
C ASP B 219 -6.75 7.46 15.25
N VAL B 220 -7.33 6.30 15.63
CA VAL B 220 -8.59 5.80 15.05
C VAL B 220 -9.76 6.74 15.46
N TYR B 221 -9.76 7.25 16.73
CA TYR B 221 -10.75 8.20 17.24
C TYR B 221 -10.73 9.50 16.39
N SER B 222 -9.51 10.03 16.14
CA SER B 222 -9.22 11.24 15.35
C SER B 222 -9.80 11.10 13.95
N PHE B 223 -9.60 9.92 13.33
CA PHE B 223 -10.09 9.59 12.00
C PHE B 223 -11.61 9.70 11.94
N ALA B 224 -12.30 9.22 12.99
CA ALA B 224 -13.76 9.24 13.14
C ALA B 224 -14.35 10.66 13.03
N VAL B 225 -13.69 11.63 13.71
CA VAL B 225 -14.05 13.05 13.75
C VAL B 225 -13.73 13.72 12.39
N VAL B 226 -12.56 13.36 11.77
CA VAL B 226 -12.15 13.82 10.44
C VAL B 226 -13.17 13.34 9.40
N LEU B 227 -13.58 12.07 9.54
CA LEU B 227 -14.57 11.40 8.71
C LEU B 227 -15.90 12.18 8.81
N TRP B 228 -16.32 12.50 10.05
CA TRP B 228 -17.52 13.30 10.31
C TRP B 228 -17.40 14.63 9.60
N ALA B 229 -16.27 15.33 9.81
CA ALA B 229 -15.95 16.64 9.23
C ALA B 229 -16.03 16.66 7.69
N ILE B 230 -15.68 15.52 7.03
CA ILE B 230 -15.73 15.37 5.56
C ILE B 230 -17.18 15.50 5.05
N PHE B 231 -18.12 14.79 5.69
CA PHE B 231 -19.53 14.83 5.30
C PHE B 231 -20.29 16.01 5.86
N ALA B 232 -19.79 16.65 6.93
CA ALA B 232 -20.46 17.81 7.52
C ALA B 232 -20.03 19.11 6.86
N ASN B 233 -18.81 19.12 6.26
CA ASN B 233 -18.13 20.22 5.56
C ASN B 233 -17.73 21.37 6.49
N LYS B 234 -17.56 21.04 7.78
CA LYS B 234 -17.20 21.97 8.85
C LYS B 234 -16.58 21.21 10.01
N GLU B 235 -16.00 21.97 10.96
CA GLU B 235 -15.40 21.48 12.19
C GLU B 235 -16.58 21.12 13.15
N PRO B 236 -16.43 20.12 14.07
CA PRO B 236 -17.53 19.80 14.99
C PRO B 236 -17.75 20.80 16.13
N TYR B 237 -18.73 20.50 17.02
CA TYR B 237 -19.07 21.18 18.27
C TYR B 237 -19.22 22.72 18.23
N GLU B 238 -19.90 23.26 17.19
CA GLU B 238 -20.10 24.70 17.00
C GLU B 238 -20.95 25.38 18.08
N ASN B 239 -21.84 24.61 18.74
CA ASN B 239 -22.74 25.08 19.78
C ASN B 239 -22.14 25.05 21.18
N ALA B 240 -20.90 24.57 21.31
CA ALA B 240 -20.19 24.58 22.59
C ALA B 240 -19.91 26.05 22.97
N ILE B 241 -20.10 26.39 24.25
CA ILE B 241 -19.93 27.74 24.79
C ILE B 241 -18.52 27.92 25.39
N ALA B 242 -18.05 26.94 26.19
CA ALA B 242 -16.80 27.02 26.90
C ALA B 242 -15.96 25.76 26.77
N GLU B 243 -14.61 25.91 26.82
CA GLU B 243 -13.64 24.82 26.70
C GLU B 243 -13.83 23.73 27.77
N GLN B 244 -14.04 24.12 29.04
CA GLN B 244 -14.26 23.14 30.10
C GLN B 244 -15.60 22.44 29.95
N GLN B 245 -16.60 23.09 29.32
CA GLN B 245 -17.89 22.44 29.05
C GLN B 245 -17.65 21.30 28.05
N LEU B 246 -16.99 21.62 26.92
CA LEU B 246 -16.59 20.73 25.83
C LEU B 246 -15.73 19.59 26.33
N ILE B 247 -14.63 19.87 27.08
CA ILE B 247 -13.75 18.81 27.61
C ILE B 247 -14.55 17.75 28.38
N MET B 248 -15.37 18.22 29.35
CA MET B 248 -16.21 17.37 30.22
C MET B 248 -17.29 16.61 29.45
N ALA B 249 -17.92 17.26 28.46
CA ALA B 249 -18.96 16.66 27.63
C ALA B 249 -18.40 15.52 26.75
N ILE B 250 -17.19 15.71 26.17
CA ILE B 250 -16.58 14.66 25.33
C ILE B 250 -16.18 13.46 26.22
N LYS B 251 -15.55 13.72 27.39
CA LYS B 251 -15.17 12.71 28.39
C LYS B 251 -16.39 11.93 28.90
N SER B 252 -17.60 12.50 28.77
CA SER B 252 -18.86 11.92 29.21
C SER B 252 -19.58 11.14 28.11
N GLY B 253 -19.17 11.32 26.85
CA GLY B 253 -19.76 10.60 25.73
C GLY B 253 -20.42 11.43 24.65
N ASN B 254 -20.26 12.76 24.70
CA ASN B 254 -20.78 13.65 23.67
C ASN B 254 -19.88 13.49 22.45
N ARG B 255 -20.48 13.45 21.23
CA ARG B 255 -19.75 13.25 19.98
C ARG B 255 -20.26 14.18 18.94
N PRO B 256 -19.54 14.41 17.82
CA PRO B 256 -20.07 15.31 16.79
C PRO B 256 -21.49 14.92 16.38
N ASP B 257 -22.36 15.92 16.20
CA ASP B 257 -23.78 15.67 15.89
C ASP B 257 -23.93 14.97 14.59
N VAL B 258 -24.43 13.72 14.63
CA VAL B 258 -24.65 12.89 13.44
C VAL B 258 -25.59 13.61 12.49
N ASP B 259 -26.58 14.29 13.06
CA ASP B 259 -27.65 14.99 12.35
C ASP B 259 -27.32 16.25 11.56
N ASP B 260 -26.28 17.00 11.92
CA ASP B 260 -25.91 18.25 11.25
C ASP B 260 -25.26 18.05 9.88
N ILE B 261 -25.25 16.79 9.42
CA ILE B 261 -24.75 16.35 8.12
C ILE B 261 -25.97 16.52 7.17
N THR B 262 -26.11 17.73 6.61
CA THR B 262 -27.21 18.09 5.71
C THR B 262 -27.13 17.30 4.40
N GLU B 263 -25.90 17.21 3.82
CA GLU B 263 -25.66 16.49 2.57
C GLU B 263 -25.74 14.97 2.77
N TYR B 264 -25.92 14.23 1.66
CA TYR B 264 -26.01 12.78 1.68
C TYR B 264 -24.72 12.13 2.17
N CYS B 265 -24.86 11.28 3.19
CA CYS B 265 -23.79 10.50 3.79
C CYS B 265 -24.36 9.11 4.02
N PRO B 266 -23.84 8.06 3.35
CA PRO B 266 -24.41 6.72 3.56
C PRO B 266 -24.39 6.24 5.01
N ARG B 267 -25.45 5.50 5.39
CA ARG B 267 -25.65 4.94 6.73
C ARG B 267 -24.50 4.02 7.19
N GLU B 268 -23.74 3.46 6.21
CA GLU B 268 -22.59 2.57 6.41
C GLU B 268 -21.42 3.37 6.97
N ILE B 269 -21.23 4.60 6.43
CA ILE B 269 -20.19 5.53 6.86
C ILE B 269 -20.50 6.09 8.25
N ILE B 270 -21.79 6.46 8.51
CA ILE B 270 -22.25 6.96 9.82
C ILE B 270 -22.01 5.91 10.92
N SER B 271 -22.22 4.63 10.59
CA SER B 271 -21.98 3.52 11.52
C SER B 271 -20.48 3.27 11.70
N LEU B 272 -19.70 3.63 10.67
CA LEU B 272 -18.25 3.51 10.67
C LEU B 272 -17.65 4.51 11.69
N MET B 273 -18.08 5.80 11.63
CA MET B 273 -17.59 6.83 12.57
C MET B 273 -18.07 6.56 14.00
N LYS B 274 -19.32 6.02 14.19
CA LYS B 274 -19.82 5.73 15.54
C LYS B 274 -18.97 4.68 16.21
N LEU B 275 -18.42 3.75 15.40
CA LEU B 275 -17.55 2.69 15.86
C LEU B 275 -16.12 3.17 16.12
N CYS B 276 -15.64 4.14 15.32
CA CYS B 276 -14.29 4.66 15.50
C CYS B 276 -14.24 5.68 16.63
N TRP B 277 -15.35 6.40 16.90
CA TRP B 277 -15.31 7.36 18.01
C TRP B 277 -15.89 6.79 19.31
N GLU B 278 -15.92 5.47 19.39
CA GLU B 278 -16.35 4.69 20.54
C GLU B 278 -15.56 5.10 21.80
N ALA B 279 -16.26 5.21 22.93
CA ALA B 279 -15.73 5.62 24.23
C ALA B 279 -14.52 4.79 24.69
N ASN B 280 -14.69 3.44 24.61
CA ASN B 280 -13.67 2.46 24.98
C ASN B 280 -12.68 2.28 23.83
N PRO B 281 -11.35 2.52 24.04
CA PRO B 281 -10.38 2.36 22.92
C PRO B 281 -10.37 0.97 22.25
N GLU B 282 -10.44 -0.08 23.08
CA GLU B 282 -10.46 -1.50 22.70
C GLU B 282 -11.63 -1.89 21.79
N ALA B 283 -12.72 -1.10 21.81
CA ALA B 283 -13.90 -1.32 20.99
C ALA B 283 -13.80 -0.74 19.56
N ARG B 284 -12.79 0.12 19.33
CA ARG B 284 -12.52 0.78 18.04
C ARG B 284 -11.78 -0.20 17.08
N PRO B 285 -12.09 -0.17 15.75
CA PRO B 285 -11.34 -1.04 14.82
C PRO B 285 -9.91 -0.54 14.54
N THR B 286 -9.10 -1.35 13.83
CA THR B 286 -7.75 -0.96 13.41
C THR B 286 -7.93 -0.37 12.01
N PHE B 287 -6.92 0.39 11.50
CA PHE B 287 -6.98 0.95 10.14
C PHE B 287 -7.02 -0.16 9.07
N PRO B 288 -6.22 -1.26 9.16
CA PRO B 288 -6.36 -2.35 8.18
C PRO B 288 -7.77 -2.96 8.22
N GLY B 289 -8.39 -2.97 9.42
CA GLY B 289 -9.76 -3.43 9.61
C GLY B 289 -10.77 -2.53 8.92
N ILE B 290 -10.57 -1.20 9.00
CA ILE B 290 -11.42 -0.18 8.38
C ILE B 290 -11.33 -0.33 6.83
N GLU B 291 -10.11 -0.49 6.29
CA GLU B 291 -9.80 -0.64 4.85
C GLU B 291 -10.56 -1.78 4.21
N GLU B 292 -10.60 -2.93 4.93
CA GLU B 292 -11.27 -4.20 4.56
C GLU B 292 -12.77 -3.98 4.25
N LYS B 293 -13.47 -3.24 5.14
CA LYS B 293 -14.90 -2.95 4.99
C LYS B 293 -15.10 -1.82 3.94
N PHE B 294 -14.38 -0.68 4.12
CA PHE B 294 -14.53 0.50 3.29
C PHE B 294 -14.15 0.31 1.80
N ARG B 295 -13.07 -0.45 1.47
CA ARG B 295 -12.69 -0.61 0.05
C ARG B 295 -13.83 -1.19 -0.81
N PRO B 296 -14.41 -2.41 -0.52
CA PRO B 296 -15.52 -2.91 -1.37
C PRO B 296 -16.72 -1.96 -1.42
N PHE B 297 -17.07 -1.30 -0.28
CA PHE B 297 -18.13 -0.31 -0.21
C PHE B 297 -17.86 0.85 -1.18
N TYR B 298 -16.63 1.39 -1.16
CA TYR B 298 -16.24 2.49 -2.04
C TYR B 298 -16.40 2.16 -3.51
N LEU B 299 -15.98 0.95 -3.90
CA LEU B 299 -16.03 0.47 -5.28
C LEU B 299 -17.46 0.24 -5.77
N SER B 300 -18.28 -0.47 -4.98
CA SER B 300 -19.67 -0.77 -5.33
C SER B 300 -20.61 0.44 -5.32
N GLN B 301 -20.60 1.23 -4.23
CA GLN B 301 -21.51 2.36 -4.05
C GLN B 301 -20.94 3.72 -4.43
N LEU B 302 -19.84 4.17 -3.78
CA LEU B 302 -19.24 5.50 -3.96
C LEU B 302 -18.58 5.72 -5.34
N GLU B 303 -18.51 4.66 -6.17
CA GLU B 303 -17.93 4.70 -7.50
C GLU B 303 -18.56 3.59 -8.40
#